data_3QSZ
#
_entry.id   3QSZ
#
_cell.length_a   124.115
_cell.length_b   53.885
_cell.length_c   70.266
_cell.angle_alpha   90.00
_cell.angle_beta   93.44
_cell.angle_gamma   90.00
#
_symmetry.space_group_name_H-M   'C 1 2 1'
#
loop_
_entity.id
_entity.type
_entity.pdbx_description
1 polymer 'STAR-related lipid transfer protein'
2 non-polymer 'MANGANESE (II) ION'
3 non-polymer 'SULFATE ION'
4 non-polymer DI(HYDROXYETHYL)ETHER
5 water water
#
_entity_poly.entity_id   1
_entity_poly.type   'polypeptide(L)'
_entity_poly.pdbx_seq_one_letter_code
;(MSE)QDGWSLAKDAEGIKVYVRNVEGSPLREFRGEVRLKAAADDVVKVLRDANAFRQW(MSE)PDVAASELLKATDTEQ
YHYLDNSAPWPVSNRDGVYHFTYEKAGDGAITVRVEAVPDYLPLRKGKVRIPRAKGQWTLVPDADGVDVTYQ(MSE)HAS
PGGSIPSWLANQTVVETPFGTLKALRSHLRQAHLEHHHHHH
;
_entity_poly.pdbx_strand_id   A,B
#
loop_
_chem_comp.id
_chem_comp.type
_chem_comp.name
_chem_comp.formula
MN non-polymer 'MANGANESE (II) ION' 'Mn 2'
PEG non-polymer DI(HYDROXYETHYL)ETHER 'C4 H10 O3'
SO4 non-polymer 'SULFATE ION' 'O4 S -2'
#
# COMPACT_ATOMS: atom_id res chain seq x y z
N ASP A 3 -4.92 -19.50 -5.40
CA ASP A 3 -3.98 -18.43 -5.70
C ASP A 3 -3.17 -18.78 -6.94
N GLY A 4 -2.46 -19.89 -6.87
CA GLY A 4 -1.47 -20.25 -7.87
C GLY A 4 -0.12 -19.76 -7.41
N TRP A 5 -0.12 -18.61 -6.73
CA TRP A 5 1.10 -17.97 -6.27
C TRP A 5 1.61 -18.59 -4.98
N SER A 6 2.89 -18.37 -4.72
CA SER A 6 3.52 -18.81 -3.50
C SER A 6 4.72 -17.92 -3.28
N LEU A 7 4.92 -17.48 -2.05
CA LEU A 7 6.05 -16.61 -1.74
C LEU A 7 7.33 -17.40 -1.93
N ALA A 8 8.27 -16.82 -2.67
CA ALA A 8 9.52 -17.49 -3.00
C ALA A 8 10.70 -16.80 -2.32
N LYS A 9 10.55 -15.51 -2.06
CA LYS A 9 11.61 -14.75 -1.41
C LYS A 9 11.12 -13.47 -0.73
N ASP A 10 11.78 -13.13 0.36
CA ASP A 10 11.46 -11.94 1.13
C ASP A 10 12.72 -11.47 1.84
N ALA A 11 13.35 -10.43 1.33
CA ALA A 11 14.56 -9.90 1.94
C ALA A 11 14.71 -8.47 1.51
N GLU A 12 15.31 -7.65 2.35
CA GLU A 12 15.57 -6.25 2.04
C GLU A 12 14.33 -5.48 1.60
N GLY A 13 13.18 -5.88 2.13
CA GLY A 13 11.95 -5.16 1.90
C GLY A 13 11.22 -5.50 0.63
N ILE A 14 11.64 -6.59 -0.01
CA ILE A 14 11.09 -6.99 -1.30
C ILE A 14 10.55 -8.40 -1.23
N LYS A 15 9.35 -8.60 -1.79
CA LYS A 15 8.77 -9.92 -1.85
C LYS A 15 8.63 -10.40 -3.28
N VAL A 16 8.99 -11.65 -3.54
CA VAL A 16 8.84 -12.21 -4.88
C VAL A 16 7.98 -13.46 -4.90
N TYR A 17 6.93 -13.44 -5.71
CA TYR A 17 6.04 -14.60 -5.84
C TYR A 17 6.26 -15.28 -7.20
N VAL A 18 6.03 -16.57 -7.24
CA VAL A 18 6.14 -17.31 -8.47
C VAL A 18 4.92 -18.20 -8.58
N ARG A 19 4.62 -18.65 -9.79
CA ARG A 19 3.61 -19.67 -9.96
C ARG A 19 3.85 -20.43 -11.24
N ASN A 20 3.46 -21.69 -11.25
CA ASN A 20 3.54 -22.45 -12.47
C ASN A 20 2.53 -21.90 -13.48
N VAL A 21 2.87 -22.04 -14.76
CA VAL A 21 1.96 -21.71 -15.84
C VAL A 21 1.86 -22.96 -16.69
N GLU A 22 0.66 -23.51 -16.86
CA GLU A 22 0.53 -24.81 -17.51
C GLU A 22 0.98 -24.77 -18.97
N GLY A 23 1.77 -25.78 -19.34
CA GLY A 23 2.29 -25.87 -20.70
C GLY A 23 3.56 -25.06 -20.91
N SER A 24 4.08 -24.48 -19.83
CA SER A 24 5.36 -23.78 -19.90
C SER A 24 6.29 -24.36 -18.85
N PRO A 25 7.60 -24.36 -19.14
CA PRO A 25 8.62 -24.85 -18.20
C PRO A 25 9.16 -23.70 -17.38
N LEU A 26 8.64 -22.50 -17.64
CA LEU A 26 9.09 -21.29 -16.97
C LEU A 26 7.99 -20.72 -16.08
N ARG A 27 8.33 -20.43 -14.83
CA ARG A 27 7.34 -19.89 -13.90
C ARG A 27 7.16 -18.39 -14.09
N GLU A 28 5.97 -17.90 -13.82
CA GLU A 28 5.71 -16.48 -13.87
C GLU A 28 6.12 -15.90 -12.53
N PHE A 29 6.73 -14.73 -12.55
CA PHE A 29 7.05 -14.09 -11.28
C PHE A 29 6.19 -12.85 -11.02
N ARG A 30 6.15 -12.44 -9.75
CA ARG A 30 5.59 -11.16 -9.33
C ARG A 30 6.42 -10.63 -8.18
N GLY A 31 7.13 -9.55 -8.42
CA GLY A 31 7.90 -8.89 -7.37
C GLY A 31 7.10 -7.75 -6.75
N GLU A 32 7.38 -7.47 -5.49
CA GLU A 32 6.66 -6.44 -4.79
C GLU A 32 7.63 -5.68 -3.91
N VAL A 33 7.58 -4.36 -3.98
CA VAL A 33 8.39 -3.52 -3.11
C VAL A 33 7.57 -2.26 -2.85
N ARG A 34 7.93 -1.53 -1.80
CA ARG A 34 7.26 -0.29 -1.46
C ARG A 34 8.30 0.80 -1.43
N LEU A 35 8.06 1.86 -2.18
CA LEU A 35 9.09 2.90 -2.30
C LEU A 35 8.62 4.22 -1.71
N LYS A 36 9.58 4.97 -1.16
CA LYS A 36 9.29 6.31 -0.68
C LYS A 36 9.41 7.26 -1.87
N ALA A 37 8.48 7.11 -2.79
CA ALA A 37 8.46 7.94 -3.97
C ALA A 37 7.03 7.99 -4.45
N ALA A 38 6.75 8.98 -5.29
CA ALA A 38 5.45 9.11 -5.91
C ALA A 38 5.38 8.19 -7.12
N ALA A 39 4.16 7.79 -7.49
CA ALA A 39 3.92 6.98 -8.67
C ALA A 39 4.55 7.57 -9.93
N ASP A 40 4.41 8.88 -10.11
CA ASP A 40 4.95 9.54 -11.30
C ASP A 40 6.48 9.71 -11.28
N ASP A 41 7.11 9.36 -10.15
CA ASP A 41 8.56 9.34 -10.05
C ASP A 41 9.09 8.04 -10.65
N VAL A 42 8.29 6.98 -10.53
CA VAL A 42 8.65 5.71 -11.14
C VAL A 42 8.30 5.73 -12.61
N VAL A 43 7.22 6.42 -12.98
CA VAL A 43 6.88 6.53 -14.39
C VAL A 43 8.02 7.21 -15.18
N LYS A 44 8.59 8.25 -14.59
CA LYS A 44 9.69 8.96 -15.24
C LYS A 44 10.85 8.01 -15.52
N VAL A 45 11.26 7.25 -14.51
CA VAL A 45 12.34 6.29 -14.65
C VAL A 45 12.06 5.26 -15.73
N LEU A 46 10.86 4.70 -15.72
CA LEU A 46 10.44 3.79 -16.78
C LEU A 46 10.31 4.46 -18.16
N ARG A 47 10.21 5.78 -18.20
CA ARG A 47 10.20 6.46 -19.49
C ARG A 47 11.60 6.56 -20.07
N ASP A 48 12.58 6.72 -19.18
CA ASP A 48 13.93 7.03 -19.58
C ASP A 48 14.67 5.75 -19.99
N ALA A 49 14.28 5.20 -21.13
CA ALA A 49 14.81 3.92 -21.58
C ALA A 49 16.30 4.02 -21.91
N ASN A 50 16.74 5.18 -22.37
CA ASN A 50 18.15 5.39 -22.64
C ASN A 50 18.97 5.12 -21.39
N ALA A 51 18.32 5.21 -20.23
CA ALA A 51 19.01 5.07 -18.94
C ALA A 51 18.90 3.67 -18.31
N PHE A 52 18.01 2.83 -18.82
CA PHE A 52 17.90 1.47 -18.29
C PHE A 52 19.27 0.85 -17.98
N ARG A 53 20.16 0.85 -18.96
CA ARG A 53 21.45 0.21 -18.80
C ARG A 53 22.20 0.68 -17.55
N GLN A 54 21.76 1.80 -16.97
CA GLN A 54 22.46 2.38 -15.83
C GLN A 54 22.13 1.69 -14.49
N TRP A 55 20.98 1.02 -14.43
CA TRP A 55 20.46 0.47 -13.16
C TRP A 55 19.79 -0.88 -13.33
N MSE A 56 19.11 -1.04 -14.46
CA MSE A 56 18.38 -2.26 -14.77
C MSE A 56 19.37 -3.41 -15.01
O MSE A 56 20.13 -3.38 -15.96
CB MSE A 56 17.48 -2.00 -15.96
CG MSE A 56 16.53 -3.10 -16.29
SE MSE A 56 15.34 -2.59 -17.75
CE MSE A 56 13.86 -1.74 -16.78
N PRO A 57 19.36 -4.41 -14.13
CA PRO A 57 20.36 -5.49 -14.17
C PRO A 57 20.45 -6.22 -15.51
N ASP A 58 21.68 -6.63 -15.86
CA ASP A 58 21.92 -7.43 -17.04
C ASP A 58 21.59 -6.69 -18.34
N VAL A 59 21.42 -5.38 -18.28
CA VAL A 59 21.26 -4.61 -19.51
C VAL A 59 22.59 -4.02 -19.92
N ALA A 60 23.12 -4.53 -21.04
CA ALA A 60 24.37 -4.05 -21.62
C ALA A 60 24.19 -2.74 -22.36
N ALA A 61 23.01 -2.55 -22.96
CA ALA A 61 22.74 -1.33 -23.70
C ALA A 61 21.25 -1.12 -23.89
N SER A 62 20.83 0.13 -24.04
CA SER A 62 19.43 0.45 -24.15
C SER A 62 19.21 1.74 -24.88
N GLU A 63 18.13 1.78 -25.65
CA GLU A 63 17.78 2.97 -26.42
C GLU A 63 16.28 3.12 -26.60
N LEU A 64 15.78 4.32 -26.32
CA LEU A 64 14.40 4.67 -26.66
C LEU A 64 14.26 4.81 -28.17
N LEU A 65 13.30 4.07 -28.74
CA LEU A 65 13.03 4.09 -30.17
C LEU A 65 11.91 5.05 -30.51
N LYS A 66 10.83 5.00 -29.73
CA LYS A 66 9.68 5.87 -29.96
C LYS A 66 8.87 6.04 -28.69
N ALA A 67 8.34 7.23 -28.49
CA ALA A 67 7.53 7.54 -27.32
C ALA A 67 6.34 8.40 -27.69
N THR A 68 5.15 8.02 -27.25
CA THR A 68 4.01 8.92 -27.27
C THR A 68 3.62 9.21 -25.82
N ASP A 69 2.38 9.65 -25.60
CA ASP A 69 1.90 9.89 -24.25
C ASP A 69 1.65 8.57 -23.55
N THR A 70 1.05 7.65 -24.28
CA THR A 70 0.55 6.42 -23.69
C THR A 70 1.43 5.18 -23.98
N GLU A 71 2.35 5.29 -24.94
CA GLU A 71 3.11 4.13 -25.37
C GLU A 71 4.61 4.37 -25.60
N GLN A 72 5.38 3.30 -25.62
CA GLN A 72 6.80 3.45 -25.84
C GLN A 72 7.46 2.17 -26.34
N TYR A 73 8.53 2.36 -27.10
CA TYR A 73 9.35 1.27 -27.62
C TYR A 73 10.81 1.53 -27.31
N HIS A 74 11.51 0.53 -26.82
CA HIS A 74 12.93 0.70 -26.56
C HIS A 74 13.68 -0.56 -26.92
N TYR A 75 14.97 -0.40 -27.17
CA TYR A 75 15.80 -1.50 -27.59
C TYR A 75 16.73 -1.86 -26.45
N LEU A 76 16.87 -3.16 -26.20
CA LEU A 76 17.75 -3.61 -25.14
C LEU A 76 18.73 -4.66 -25.65
N ASP A 77 19.96 -4.59 -25.15
CA ASP A 77 20.93 -5.65 -25.35
C ASP A 77 21.16 -6.27 -23.98
N ASN A 78 20.78 -7.53 -23.80
CA ASN A 78 20.83 -8.17 -22.48
C ASN A 78 22.08 -9.00 -22.23
N SER A 79 22.66 -8.81 -21.05
CA SER A 79 23.75 -9.63 -20.56
C SER A 79 23.18 -10.84 -19.81
N ALA A 80 24.02 -11.57 -19.09
CA ALA A 80 23.56 -12.70 -18.31
C ALA A 80 24.54 -13.01 -17.18
N PRO A 81 24.08 -13.71 -16.14
CA PRO A 81 24.96 -14.06 -15.03
C PRO A 81 26.00 -15.11 -15.44
N TRP A 82 25.84 -15.71 -16.61
CA TRP A 82 26.79 -16.74 -17.09
C TRP A 82 27.33 -16.41 -18.48
N PRO A 83 28.43 -17.07 -18.87
CA PRO A 83 29.06 -16.71 -20.13
C PRO A 83 28.29 -17.31 -21.31
N VAL A 84 27.09 -16.82 -21.53
CA VAL A 84 26.28 -17.22 -22.67
C VAL A 84 26.14 -16.00 -23.55
N SER A 85 25.80 -16.19 -24.82
CA SER A 85 25.66 -15.06 -25.73
C SER A 85 24.60 -14.09 -25.20
N ASN A 86 24.75 -12.81 -25.55
CA ASN A 86 23.75 -11.81 -25.23
C ASN A 86 22.55 -11.95 -26.16
N ARG A 87 21.37 -11.66 -25.64
CA ARG A 87 20.17 -11.64 -26.48
C ARG A 87 19.55 -10.27 -26.38
N ASP A 88 19.04 -9.77 -27.50
CA ASP A 88 18.53 -8.41 -27.59
C ASP A 88 17.04 -8.46 -27.87
N GLY A 89 16.37 -7.31 -27.81
CA GLY A 89 14.94 -7.29 -28.03
C GLY A 89 14.36 -5.90 -28.02
N VAL A 90 13.21 -5.77 -28.68
CA VAL A 90 12.46 -4.53 -28.57
C VAL A 90 11.26 -4.76 -27.66
N TYR A 91 10.99 -3.77 -26.81
CA TYR A 91 9.89 -3.87 -25.87
C TYR A 91 8.90 -2.74 -26.03
N HIS A 92 7.64 -3.11 -25.97
CA HIS A 92 6.51 -2.18 -25.98
C HIS A 92 5.97 -1.99 -24.56
N PHE A 93 6.02 -0.77 -24.03
CA PHE A 93 5.33 -0.41 -22.79
C PHE A 93 4.05 0.35 -23.12
N THR A 94 2.96 0.05 -22.41
CA THR A 94 1.77 0.86 -22.55
C THR A 94 1.32 1.39 -21.18
N TYR A 95 1.24 2.72 -21.07
CA TYR A 95 0.89 3.36 -19.81
C TYR A 95 -0.61 3.60 -19.70
N GLU A 96 -1.18 3.14 -18.59
CA GLU A 96 -2.60 3.31 -18.31
C GLU A 96 -2.79 3.88 -16.90
N LYS A 97 -3.66 4.88 -16.76
CA LYS A 97 -3.98 5.40 -15.44
C LYS A 97 -5.41 5.05 -15.13
N ALA A 98 -5.60 4.16 -14.16
CA ALA A 98 -6.94 3.76 -13.75
C ALA A 98 -7.72 4.88 -13.05
N GLY A 99 -9.02 4.68 -12.89
CA GLY A 99 -9.88 5.65 -12.25
C GLY A 99 -9.42 6.08 -10.87
N ASP A 100 -8.70 5.20 -10.18
CA ASP A 100 -8.29 5.47 -8.80
C ASP A 100 -6.85 5.97 -8.63
N GLY A 101 -6.20 6.31 -9.75
CA GLY A 101 -4.86 6.87 -9.69
C GLY A 101 -3.78 5.82 -9.72
N ALA A 102 -4.21 4.55 -9.77
CA ALA A 102 -3.28 3.45 -9.97
C ALA A 102 -2.76 3.48 -11.40
N ILE A 103 -1.45 3.31 -11.55
CA ILE A 103 -0.83 3.33 -12.87
C ILE A 103 -0.30 1.96 -13.27
N THR A 104 -0.76 1.49 -14.43
CA THR A 104 -0.35 0.18 -14.94
C THR A 104 0.42 0.36 -16.24
N VAL A 105 1.63 -0.18 -16.29
CA VAL A 105 2.46 -0.15 -17.49
C VAL A 105 2.51 -1.56 -18.03
N ARG A 106 1.78 -1.79 -19.12
CA ARG A 106 1.71 -3.10 -19.76
C ARG A 106 2.91 -3.31 -20.69
N VAL A 107 3.56 -4.45 -20.55
CA VAL A 107 4.84 -4.72 -21.18
C VAL A 107 4.74 -5.89 -22.14
N GLU A 108 5.39 -5.78 -23.28
CA GLU A 108 5.21 -6.77 -24.34
C GLU A 108 6.44 -6.80 -25.23
N ALA A 109 7.03 -7.97 -25.40
CA ALA A 109 8.11 -8.13 -26.39
C ALA A 109 7.53 -8.06 -27.79
N VAL A 110 8.23 -7.33 -28.67
CA VAL A 110 7.84 -7.21 -30.07
C VAL A 110 9.04 -7.47 -31.01
N PRO A 111 9.48 -8.73 -31.07
CA PRO A 111 10.66 -9.21 -31.81
C PRO A 111 10.89 -8.61 -33.21
N ASP A 112 9.82 -8.36 -33.97
CA ASP A 112 9.92 -7.94 -35.37
C ASP A 112 9.85 -6.42 -35.60
N TYR A 113 9.91 -5.64 -34.52
CA TYR A 113 9.79 -4.19 -34.64
C TYR A 113 11.00 -3.63 -35.40
N LEU A 114 12.18 -4.05 -34.98
CA LEU A 114 13.41 -3.80 -35.73
C LEU A 114 13.89 -5.13 -36.31
N PRO A 115 14.67 -5.07 -37.41
CA PRO A 115 15.28 -6.26 -38.00
C PRO A 115 16.17 -6.98 -37.00
N LEU A 116 16.37 -8.27 -37.19
CA LEU A 116 17.33 -9.02 -36.39
C LEU A 116 18.68 -8.36 -36.48
N ARG A 117 19.40 -8.33 -35.37
CA ARG A 117 20.77 -7.84 -35.35
C ARG A 117 21.63 -9.05 -35.32
N LYS A 118 22.19 -9.47 -36.45
CA LYS A 118 22.84 -10.77 -36.39
C LYS A 118 24.28 -10.78 -35.91
N GLY A 119 24.43 -11.55 -34.84
CA GLY A 119 25.62 -11.64 -34.01
C GLY A 119 24.97 -11.92 -32.68
N LYS A 120 23.63 -11.96 -32.73
CA LYS A 120 22.79 -11.87 -31.55
C LYS A 120 21.45 -12.62 -31.70
N VAL A 121 21.00 -13.22 -30.60
CA VAL A 121 19.70 -13.90 -30.55
C VAL A 121 18.60 -12.93 -30.13
N ARG A 122 17.50 -12.91 -30.88
CA ARG A 122 16.39 -12.03 -30.57
C ARG A 122 15.39 -12.70 -29.60
N ILE A 123 15.15 -12.06 -28.46
CA ILE A 123 14.21 -12.58 -27.46
C ILE A 123 12.79 -12.70 -28.03
N PRO A 124 12.18 -13.87 -27.88
CA PRO A 124 10.83 -14.06 -28.43
C PRO A 124 9.84 -13.43 -27.47
N ARG A 125 8.55 -13.49 -27.78
CA ARG A 125 7.56 -12.79 -26.99
C ARG A 125 7.71 -12.95 -25.46
N ALA A 126 7.63 -11.82 -24.77
CA ALA A 126 7.59 -11.76 -23.32
C ALA A 126 6.30 -10.99 -22.99
N LYS A 127 5.86 -10.99 -21.72
CA LYS A 127 4.60 -10.35 -21.36
C LYS A 127 4.40 -10.18 -19.84
N GLY A 128 3.91 -9.00 -19.44
CA GLY A 128 3.61 -8.75 -18.05
C GLY A 128 3.22 -7.31 -17.80
N GLN A 129 3.49 -6.81 -16.60
CA GLN A 129 3.23 -5.41 -16.31
C GLN A 129 3.83 -4.93 -15.01
N TRP A 130 4.01 -3.61 -14.94
CA TRP A 130 4.31 -2.94 -13.72
C TRP A 130 2.99 -2.39 -13.22
N THR A 131 2.88 -2.28 -11.91
CA THR A 131 1.71 -1.69 -11.29
C THR A 131 2.24 -0.69 -10.27
N LEU A 132 1.75 0.53 -10.36
CA LEU A 132 2.12 1.60 -9.44
C LEU A 132 0.88 2.16 -8.74
N VAL A 133 0.77 1.93 -7.44
CA VAL A 133 -0.38 2.38 -6.66
C VAL A 133 0.10 3.21 -5.48
N PRO A 134 -0.27 4.50 -5.46
CA PRO A 134 0.10 5.45 -4.41
C PRO A 134 -0.29 4.99 -2.99
N ASP A 135 0.58 5.33 -2.03
CA ASP A 135 0.40 5.14 -0.60
C ASP A 135 0.08 6.49 -0.02
N ALA A 136 0.00 6.55 1.30
CA ALA A 136 -0.14 7.81 2.00
C ALA A 136 1.08 8.68 1.72
N ASP A 137 2.23 8.02 1.64
CA ASP A 137 3.52 8.69 1.68
C ASP A 137 4.50 8.18 0.59
N GLY A 138 4.00 7.34 -0.31
CA GLY A 138 4.84 6.72 -1.30
C GLY A 138 4.05 5.92 -2.32
N VAL A 139 4.61 4.80 -2.75
CA VAL A 139 4.02 4.04 -3.84
C VAL A 139 4.31 2.56 -3.66
N ASP A 140 3.27 1.76 -3.88
CA ASP A 140 3.38 0.32 -3.84
C ASP A 140 3.61 -0.22 -5.25
N VAL A 141 4.72 -0.94 -5.44
CA VAL A 141 5.14 -1.34 -6.78
C VAL A 141 5.04 -2.84 -7.02
N THR A 142 4.36 -3.19 -8.10
CA THR A 142 4.30 -4.57 -8.58
C THR A 142 5.08 -4.74 -9.91
N TYR A 143 5.88 -5.79 -10.00
CA TYR A 143 6.53 -6.13 -11.27
C TYR A 143 6.31 -7.61 -11.56
N GLN A 144 5.56 -7.87 -12.62
CA GLN A 144 5.10 -9.21 -12.98
C GLN A 144 5.49 -9.52 -14.42
N MSE A 145 6.13 -10.67 -14.67
CA MSE A 145 6.50 -11.09 -16.02
C MSE A 145 6.39 -12.59 -16.22
O MSE A 145 6.70 -13.37 -15.32
CB MSE A 145 7.93 -10.67 -16.40
CG MSE A 145 8.16 -9.15 -16.55
SE MSE A 145 7.09 -8.25 -17.94
CE MSE A 145 7.69 -9.31 -19.48
N HIS A 146 5.95 -12.99 -17.40
CA HIS A 146 6.10 -14.37 -17.86
C HIS A 146 6.78 -14.41 -19.22
N ALA A 147 7.87 -15.16 -19.34
CA ALA A 147 8.52 -15.36 -20.63
C ALA A 147 8.31 -16.78 -21.19
N SER A 148 8.25 -16.88 -22.51
CA SER A 148 8.18 -18.18 -23.19
C SER A 148 9.60 -18.62 -23.59
N PRO A 149 9.74 -19.82 -24.21
CA PRO A 149 11.06 -20.35 -24.56
C PRO A 149 11.79 -19.52 -25.62
N GLY A 150 13.05 -19.19 -25.35
CA GLY A 150 13.87 -18.45 -26.30
C GLY A 150 15.13 -17.89 -25.68
N GLY A 151 16.07 -17.47 -26.53
CA GLY A 151 17.32 -16.89 -26.06
C GLY A 151 18.46 -17.90 -26.01
N SER A 152 19.50 -17.56 -25.25
CA SER A 152 20.69 -18.41 -25.13
C SER A 152 20.84 -19.06 -23.74
N ILE A 153 19.81 -18.92 -22.91
CA ILE A 153 19.80 -19.53 -21.58
C ILE A 153 18.73 -20.61 -21.54
N PRO A 154 19.14 -21.86 -21.26
CA PRO A 154 18.18 -22.98 -21.22
C PRO A 154 17.00 -22.67 -20.28
N SER A 155 15.79 -23.02 -20.73
CA SER A 155 14.58 -22.79 -19.97
C SER A 155 14.72 -23.31 -18.54
N TRP A 156 15.29 -24.51 -18.40
CA TRP A 156 15.53 -25.10 -17.09
C TRP A 156 16.38 -24.17 -16.20
N LEU A 157 17.29 -23.42 -16.82
CA LEU A 157 18.17 -22.56 -16.07
C LEU A 157 17.49 -21.24 -15.70
N ALA A 158 16.68 -20.70 -16.60
CA ALA A 158 16.01 -19.43 -16.33
C ALA A 158 14.97 -19.61 -15.21
N ASN A 159 14.33 -20.77 -15.19
CA ASN A 159 13.35 -21.09 -14.16
C ASN A 159 13.97 -21.18 -12.77
N GLN A 160 15.09 -21.88 -12.64
CA GLN A 160 15.74 -22.03 -11.33
C GLN A 160 16.28 -20.71 -10.76
N THR A 161 16.31 -19.68 -11.60
CA THR A 161 16.93 -18.40 -11.28
C THR A 161 15.88 -17.29 -11.40
N VAL A 162 14.63 -17.69 -11.65
CA VAL A 162 13.60 -16.72 -12.00
C VAL A 162 13.37 -15.67 -10.89
N VAL A 163 13.61 -16.05 -9.64
CA VAL A 163 13.42 -15.12 -8.52
C VAL A 163 14.35 -13.91 -8.56
N GLU A 164 15.57 -14.12 -9.02
CA GLU A 164 16.59 -13.07 -8.98
C GLU A 164 16.30 -11.93 -9.95
N THR A 165 15.40 -12.14 -10.90
CA THR A 165 15.11 -11.09 -11.86
C THR A 165 14.27 -9.96 -11.25
N PRO A 166 13.09 -10.28 -10.70
CA PRO A 166 12.35 -9.18 -10.07
C PRO A 166 13.04 -8.69 -8.79
N PHE A 167 13.70 -9.58 -8.05
CA PHE A 167 14.39 -9.09 -6.85
C PHE A 167 15.47 -8.08 -7.20
N GLY A 168 16.28 -8.40 -8.21
CA GLY A 168 17.38 -7.54 -8.59
C GLY A 168 16.92 -6.25 -9.24
N THR A 169 15.81 -6.34 -9.96
CA THR A 169 15.29 -5.18 -10.68
C THR A 169 14.69 -4.16 -9.72
N LEU A 170 13.82 -4.63 -8.83
CA LEU A 170 13.17 -3.75 -7.85
C LEU A 170 14.19 -3.16 -6.89
N LYS A 171 15.20 -3.93 -6.50
CA LYS A 171 16.24 -3.42 -5.60
C LYS A 171 17.04 -2.32 -6.27
N ALA A 172 17.20 -2.43 -7.58
CA ALA A 172 18.04 -1.48 -8.30
C ALA A 172 17.23 -0.25 -8.61
N LEU A 173 15.95 -0.45 -8.93
CA LEU A 173 15.06 0.68 -9.17
C LEU A 173 14.89 1.51 -7.88
N ARG A 174 14.95 0.85 -6.73
CA ARG A 174 14.88 1.56 -5.45
C ARG A 174 16.13 2.40 -5.22
N SER A 175 17.31 1.81 -5.46
CA SER A 175 18.58 2.50 -5.24
C SER A 175 18.66 3.66 -6.19
N HIS A 176 18.09 3.44 -7.37
CA HIS A 176 18.18 4.40 -8.48
C HIS A 176 17.28 5.61 -8.27
N LEU A 177 16.08 5.40 -7.71
CA LEU A 177 15.18 6.52 -7.42
C LEU A 177 15.72 7.43 -6.31
N ARG A 178 16.56 6.84 -5.46
CA ARG A 178 17.16 7.58 -4.35
C ARG A 178 18.16 8.66 -4.79
N GLN A 179 18.50 8.69 -6.07
CA GLN A 179 19.40 9.70 -6.60
C GLN A 179 18.64 10.92 -7.15
N ASP B 3 -18.26 8.89 -4.44
CA ASP B 3 -17.17 9.65 -3.82
C ASP B 3 -17.59 10.76 -2.87
N GLY B 4 -17.18 11.99 -3.17
CA GLY B 4 -17.48 13.13 -2.33
C GLY B 4 -16.26 13.63 -1.59
N TRP B 5 -15.38 12.70 -1.21
CA TRP B 5 -14.15 13.03 -0.50
C TRP B 5 -13.36 14.19 -1.10
N SER B 6 -12.82 15.03 -0.24
CA SER B 6 -11.85 16.05 -0.62
C SER B 6 -10.63 15.84 0.27
N LEU B 7 -9.48 16.36 -0.15
CA LEU B 7 -8.28 16.25 0.67
C LEU B 7 -8.12 17.52 1.50
N ALA B 8 -8.26 17.38 2.82
CA ALA B 8 -8.23 18.53 3.71
C ALA B 8 -6.85 18.75 4.32
N LYS B 9 -6.12 17.68 4.57
CA LYS B 9 -4.80 17.82 5.16
C LYS B 9 -3.84 16.74 4.68
N ASP B 10 -2.57 17.10 4.58
CA ASP B 10 -1.55 16.18 4.13
C ASP B 10 -0.21 16.64 4.67
N ALA B 11 0.30 15.92 5.67
CA ALA B 11 1.51 16.37 6.34
C ALA B 11 2.09 15.24 7.14
N GLU B 12 3.40 15.27 7.35
CA GLU B 12 4.07 14.28 8.19
C GLU B 12 3.74 12.87 7.73
N GLY B 13 3.47 12.73 6.44
CA GLY B 13 3.22 11.44 5.85
C GLY B 13 1.85 10.89 6.15
N ILE B 14 0.97 11.74 6.66
CA ILE B 14 -0.43 11.39 6.88
C ILE B 14 -1.34 12.23 6.01
N LYS B 15 -2.36 11.58 5.46
CA LYS B 15 -3.39 12.26 4.68
C LYS B 15 -4.74 12.10 5.36
N VAL B 16 -5.53 13.17 5.25
CA VAL B 16 -6.87 13.21 5.81
C VAL B 16 -7.88 13.72 4.78
N TYR B 17 -8.87 12.90 4.47
CA TYR B 17 -9.92 13.31 3.55
C TYR B 17 -11.18 13.56 4.36
N VAL B 18 -12.03 14.43 3.83
CA VAL B 18 -13.31 14.71 4.46
C VAL B 18 -14.38 14.70 3.38
N ARG B 19 -15.61 14.43 3.78
CA ARG B 19 -16.73 14.57 2.88
C ARG B 19 -17.99 14.83 3.70
N ASN B 20 -18.84 15.70 3.18
CA ASN B 20 -20.07 15.99 3.87
C ASN B 20 -21.01 14.79 3.86
N VAL B 21 -21.71 14.58 4.96
CA VAL B 21 -22.70 13.52 5.00
C VAL B 21 -24.08 14.16 4.84
N GLU B 22 -24.89 13.58 3.95
CA GLU B 22 -26.21 14.10 3.65
C GLU B 22 -27.18 14.04 4.85
N GLY B 23 -27.38 15.18 5.50
CA GLY B 23 -28.28 15.28 6.65
C GLY B 23 -27.56 15.50 7.96
N SER B 24 -26.24 15.64 7.91
CA SER B 24 -25.46 15.85 9.13
C SER B 24 -24.76 17.19 9.09
N PRO B 25 -24.52 17.76 10.27
CA PRO B 25 -23.73 18.97 10.47
C PRO B 25 -22.24 18.63 10.54
N LEU B 26 -21.95 17.35 10.73
CA LEU B 26 -20.57 16.90 10.86
C LEU B 26 -20.11 16.15 9.60
N ARG B 27 -18.91 16.49 9.15
CA ARG B 27 -18.30 15.83 8.02
C ARG B 27 -17.71 14.52 8.48
N GLU B 28 -17.69 13.55 7.56
CA GLU B 28 -17.03 12.27 7.76
C GLU B 28 -15.55 12.40 7.43
N PHE B 29 -14.69 11.75 8.21
CA PHE B 29 -13.26 11.81 7.94
C PHE B 29 -12.69 10.44 7.59
N ARG B 30 -11.63 10.47 6.78
CA ARG B 30 -10.86 9.27 6.47
C ARG B 30 -9.38 9.62 6.54
N GLY B 31 -8.70 9.06 7.54
CA GLY B 31 -7.27 9.22 7.72
C GLY B 31 -6.49 8.11 7.04
N GLU B 32 -5.31 8.45 6.52
CA GLU B 32 -4.44 7.48 5.85
C GLU B 32 -2.99 7.64 6.24
N VAL B 33 -2.37 6.56 6.69
CA VAL B 33 -0.95 6.56 6.96
C VAL B 33 -0.34 5.22 6.56
N ARG B 34 0.94 5.22 6.18
CA ARG B 34 1.65 3.99 5.86
C ARG B 34 2.67 3.74 6.95
N LEU B 35 2.59 2.56 7.56
CA LEU B 35 3.41 2.26 8.73
C LEU B 35 4.35 1.14 8.40
N LYS B 36 5.57 1.22 8.94
CA LYS B 36 6.55 0.15 8.80
C LYS B 36 6.27 -0.86 9.90
N ALA B 37 5.21 -1.62 9.71
CA ALA B 37 4.89 -2.67 10.66
C ALA B 37 3.93 -3.64 10.04
N ALA B 38 3.89 -4.85 10.57
CA ALA B 38 2.95 -5.86 10.13
C ALA B 38 1.53 -5.42 10.49
N ALA B 39 0.55 -5.84 9.70
CA ALA B 39 -0.84 -5.59 10.02
C ALA B 39 -1.22 -6.24 11.35
N ASP B 40 -0.44 -7.21 11.80
CA ASP B 40 -0.69 -7.86 13.09
C ASP B 40 -0.09 -7.10 14.28
N ASP B 41 0.85 -6.21 14.01
CA ASP B 41 1.39 -5.38 15.08
C ASP B 41 0.36 -4.30 15.41
N VAL B 42 -0.33 -3.81 14.39
CA VAL B 42 -1.36 -2.81 14.59
C VAL B 42 -2.59 -3.44 15.27
N VAL B 43 -2.95 -4.67 14.88
CA VAL B 43 -4.08 -5.35 15.51
C VAL B 43 -3.86 -5.49 17.02
N LYS B 44 -2.69 -6.00 17.39
CA LYS B 44 -2.25 -6.11 18.77
C LYS B 44 -2.49 -4.80 19.53
N VAL B 45 -2.18 -3.69 18.88
CA VAL B 45 -2.35 -2.40 19.53
C VAL B 45 -3.84 -2.04 19.67
N LEU B 46 -4.61 -2.26 18.60
CA LEU B 46 -6.05 -2.10 18.68
C LEU B 46 -6.77 -3.05 19.67
N ARG B 47 -6.20 -4.23 19.92
CA ARG B 47 -6.79 -5.22 20.83
C ARG B 47 -6.61 -4.86 22.30
N ASP B 48 -5.59 -4.08 22.58
CA ASP B 48 -5.11 -3.82 23.92
C ASP B 48 -5.69 -2.50 24.41
N ALA B 49 -6.97 -2.52 24.79
CA ALA B 49 -7.71 -1.30 25.06
C ALA B 49 -7.21 -0.62 26.32
N ASN B 50 -6.85 -1.41 27.32
CA ASN B 50 -6.35 -0.86 28.57
C ASN B 50 -5.24 0.17 28.36
N ALA B 51 -4.50 0.01 27.26
CA ALA B 51 -3.36 0.89 26.98
C ALA B 51 -3.71 2.11 26.14
N PHE B 52 -4.93 2.15 25.59
CA PHE B 52 -5.31 3.28 24.74
C PHE B 52 -4.94 4.61 25.40
N ARG B 53 -5.22 4.69 26.70
CA ARG B 53 -4.89 5.85 27.51
C ARG B 53 -3.48 6.38 27.25
N GLN B 54 -2.58 5.48 26.88
CA GLN B 54 -1.17 5.83 26.66
C GLN B 54 -0.90 6.59 25.35
N TRP B 55 -1.74 6.36 24.34
CA TRP B 55 -1.43 6.92 23.01
C TRP B 55 -2.59 7.67 22.33
N MSE B 56 -3.79 7.08 22.34
CA MSE B 56 -4.93 7.75 21.72
C MSE B 56 -5.05 9.15 22.28
O MSE B 56 -5.08 9.33 23.48
CB MSE B 56 -6.24 7.03 22.00
CG MSE B 56 -6.43 5.77 21.24
SE MSE B 56 -8.30 5.25 21.15
CE MSE B 56 -8.82 6.26 19.56
N PRO B 57 -5.10 10.14 21.37
CA PRO B 57 -5.16 11.53 21.81
C PRO B 57 -6.41 11.77 22.62
N ASP B 58 -6.25 12.42 23.77
CA ASP B 58 -7.35 12.89 24.60
C ASP B 58 -8.17 11.79 25.24
N VAL B 59 -7.56 10.61 25.37
CA VAL B 59 -8.15 9.55 26.17
C VAL B 59 -7.50 9.62 27.54
N ALA B 60 -8.33 9.83 28.56
CA ALA B 60 -7.88 10.00 29.95
C ALA B 60 -8.05 8.72 30.72
N ALA B 61 -8.88 7.82 30.21
CA ALA B 61 -9.04 6.50 30.79
C ALA B 61 -9.59 5.53 29.76
N SER B 62 -9.16 4.27 29.86
CA SER B 62 -9.55 3.27 28.91
C SER B 62 -9.47 1.92 29.57
N GLU B 63 -10.42 1.06 29.23
CA GLU B 63 -10.55 -0.22 29.90
C GLU B 63 -11.24 -1.20 29.01
N LEU B 64 -10.73 -2.42 29.02
CA LEU B 64 -11.31 -3.50 28.27
C LEU B 64 -12.44 -4.13 29.08
N LEU B 65 -13.60 -4.29 28.45
CA LEU B 65 -14.77 -4.86 29.12
C LEU B 65 -14.96 -6.32 28.76
N LYS B 66 -15.00 -6.61 27.46
CA LYS B 66 -15.07 -7.98 26.98
C LYS B 66 -14.20 -8.11 25.72
N ALA B 67 -13.80 -9.34 25.41
CA ALA B 67 -13.04 -9.61 24.18
C ALA B 67 -13.23 -11.06 23.76
N THR B 68 -13.65 -11.28 22.52
CA THR B 68 -13.66 -12.61 21.93
C THR B 68 -12.65 -12.59 20.78
N ASP B 69 -12.35 -13.74 20.19
CA ASP B 69 -11.33 -13.80 19.13
C ASP B 69 -11.69 -12.83 18.02
N THR B 70 -12.97 -12.53 17.90
CA THR B 70 -13.51 -11.79 16.78
C THR B 70 -14.10 -10.42 17.16
N GLU B 71 -14.40 -10.21 18.45
CA GLU B 71 -14.99 -8.94 18.90
C GLU B 71 -14.39 -8.40 20.20
N GLN B 72 -14.70 -7.15 20.52
CA GLN B 72 -14.30 -6.56 21.80
C GLN B 72 -15.14 -5.31 22.13
N TYR B 73 -15.26 -5.00 23.42
CA TYR B 73 -15.92 -3.79 23.86
C TYR B 73 -15.00 -3.13 24.84
N HIS B 74 -14.90 -1.82 24.75
CA HIS B 74 -14.02 -1.11 25.67
C HIS B 74 -14.60 0.22 26.06
N TYR B 75 -14.23 0.68 27.25
CA TYR B 75 -14.77 1.89 27.80
C TYR B 75 -13.69 2.96 27.78
N LEU B 76 -14.03 4.15 27.29
CA LEU B 76 -13.09 5.26 27.26
C LEU B 76 -13.63 6.50 27.96
N ASP B 77 -12.73 7.23 28.61
CA ASP B 77 -13.03 8.54 29.17
C ASP B 77 -12.26 9.60 28.36
N ASN B 78 -12.97 10.41 27.58
CA ASN B 78 -12.32 11.35 26.67
C ASN B 78 -12.29 12.81 27.16
N SER B 79 -11.10 13.41 27.20
CA SER B 79 -10.98 14.83 27.53
C SER B 79 -11.17 15.69 26.28
N ALA B 80 -10.81 16.96 26.37
CA ALA B 80 -10.93 17.84 25.20
C ALA B 80 -9.90 18.95 25.21
N PRO B 81 -9.59 19.49 24.02
CA PRO B 81 -8.65 20.62 23.91
C PRO B 81 -9.09 21.76 24.82
N TRP B 82 -10.39 21.79 25.11
CA TRP B 82 -11.00 22.83 25.92
C TRP B 82 -11.59 22.22 27.18
N PRO B 83 -12.12 23.08 28.04
CA PRO B 83 -12.71 22.60 29.31
C PRO B 83 -14.21 22.28 29.25
N VAL B 84 -14.70 21.67 28.18
CA VAL B 84 -16.05 21.13 28.20
C VAL B 84 -16.09 19.94 29.16
N SER B 85 -17.22 19.24 29.20
CA SER B 85 -17.30 18.06 30.05
C SER B 85 -16.67 16.86 29.35
N ASN B 86 -15.87 16.09 30.08
CA ASN B 86 -15.42 14.80 29.59
C ASN B 86 -16.56 14.03 28.94
N ARG B 87 -16.29 13.36 27.83
CA ARG B 87 -17.27 12.51 27.18
C ARG B 87 -16.77 11.07 27.28
N ASP B 88 -17.62 10.20 27.79
CA ASP B 88 -17.27 8.81 28.04
C ASP B 88 -18.20 7.94 27.23
N GLY B 89 -17.90 6.65 27.16
CA GLY B 89 -18.77 5.74 26.42
C GLY B 89 -18.10 4.45 26.04
N VAL B 90 -18.92 3.49 25.61
CA VAL B 90 -18.40 2.19 25.22
C VAL B 90 -18.33 2.10 23.71
N TYR B 91 -17.28 1.47 23.21
CA TYR B 91 -17.07 1.26 21.78
C TYR B 91 -17.00 -0.23 21.48
N HIS B 92 -17.57 -0.62 20.35
CA HIS B 92 -17.57 -2.00 19.87
C HIS B 92 -16.66 -2.20 18.62
N PHE B 93 -15.59 -2.98 18.78
CA PHE B 93 -14.72 -3.36 17.65
C PHE B 93 -15.05 -4.77 17.14
N THR B 94 -15.28 -4.89 15.84
CA THR B 94 -15.38 -6.20 15.20
C THR B 94 -14.26 -6.39 14.18
N TYR B 95 -13.40 -7.37 14.40
CA TYR B 95 -12.33 -7.68 13.46
C TYR B 95 -12.82 -8.67 12.43
N GLU B 96 -12.53 -8.37 11.16
CA GLU B 96 -12.85 -9.24 10.03
C GLU B 96 -11.63 -9.34 9.14
N LYS B 97 -11.28 -10.55 8.72
CA LYS B 97 -10.18 -10.72 7.78
C LYS B 97 -10.71 -11.11 6.41
N ALA B 98 -10.13 -10.48 5.38
CA ALA B 98 -10.39 -10.89 4.00
C ALA B 98 -9.44 -12.02 3.61
N GLY B 99 -9.56 -12.51 2.38
CA GLY B 99 -8.75 -13.62 1.92
C GLY B 99 -7.30 -13.24 1.65
N ASP B 100 -7.08 -11.94 1.45
CA ASP B 100 -5.78 -11.43 1.01
C ASP B 100 -4.93 -10.82 2.13
N GLY B 101 -5.21 -11.22 3.36
CA GLY B 101 -4.49 -10.72 4.52
C GLY B 101 -5.08 -9.42 5.06
N ALA B 102 -6.00 -8.83 4.31
CA ALA B 102 -6.59 -7.53 4.62
C ALA B 102 -7.55 -7.54 5.83
N ILE B 103 -7.16 -6.86 6.89
CA ILE B 103 -7.98 -6.82 8.09
C ILE B 103 -8.80 -5.54 8.20
N THR B 104 -10.09 -5.72 8.42
CA THR B 104 -11.03 -4.62 8.60
C THR B 104 -11.57 -4.65 10.02
N VAL B 105 -11.47 -3.52 10.72
CA VAL B 105 -12.01 -3.39 12.08
C VAL B 105 -13.20 -2.46 12.07
N ARG B 106 -14.40 -3.01 12.09
CA ARG B 106 -15.60 -2.18 12.17
C ARG B 106 -15.73 -1.59 13.56
N VAL B 107 -16.05 -0.30 13.62
CA VAL B 107 -16.15 0.39 14.90
C VAL B 107 -17.55 0.91 15.10
N GLU B 108 -18.02 0.87 16.34
CA GLU B 108 -19.33 1.38 16.67
C GLU B 108 -19.38 1.88 18.10
N ALA B 109 -19.84 3.11 18.28
CA ALA B 109 -20.11 3.65 19.61
C ALA B 109 -21.48 3.17 20.05
N VAL B 110 -21.53 2.49 21.18
CA VAL B 110 -22.80 1.95 21.72
C VAL B 110 -23.14 2.58 23.09
N PRO B 111 -23.84 3.72 23.08
CA PRO B 111 -24.14 4.55 24.26
C PRO B 111 -24.91 3.86 25.39
N ASP B 112 -25.73 2.85 25.09
CA ASP B 112 -26.60 2.20 26.08
C ASP B 112 -25.97 0.98 26.75
N TYR B 113 -24.73 0.67 26.38
CA TYR B 113 -24.09 -0.58 26.81
C TYR B 113 -23.80 -0.59 28.30
N LEU B 114 -23.20 0.47 28.83
CA LEU B 114 -23.05 0.64 30.26
C LEU B 114 -23.94 1.79 30.70
N PRO B 115 -24.36 1.77 31.98
CA PRO B 115 -25.23 2.83 32.48
C PRO B 115 -24.51 4.17 32.41
N LEU B 116 -25.26 5.25 32.43
CA LEU B 116 -24.71 6.60 32.44
C LEU B 116 -23.78 6.81 33.64
N ARG B 117 -22.64 7.44 33.40
CA ARG B 117 -21.77 7.83 34.49
C ARG B 117 -22.00 9.31 34.67
N LYS B 118 -21.42 9.91 35.70
CA LYS B 118 -21.55 11.33 35.91
C LYS B 118 -20.49 11.78 36.91
N GLY B 119 -20.02 13.01 36.79
CA GLY B 119 -20.53 13.98 35.84
C GLY B 119 -19.83 13.91 34.50
N LYS B 120 -20.18 12.88 33.73
CA LYS B 120 -19.74 12.74 32.37
C LYS B 120 -20.95 12.70 31.44
N VAL B 121 -20.74 13.19 30.22
CA VAL B 121 -21.73 13.11 29.18
C VAL B 121 -21.44 11.88 28.34
N ARG B 122 -22.47 11.12 27.99
CA ARG B 122 -22.32 9.92 27.18
C ARG B 122 -22.12 10.32 25.70
N ILE B 123 -21.06 9.84 25.07
CA ILE B 123 -20.85 10.11 23.64
C ILE B 123 -22.08 9.65 22.87
N PRO B 124 -22.33 10.23 21.70
CA PRO B 124 -23.48 9.77 20.91
C PRO B 124 -23.09 8.57 20.03
N ARG B 125 -24.03 8.01 19.28
CA ARG B 125 -23.73 6.96 18.32
C ARG B 125 -22.73 7.42 17.27
N ALA B 126 -21.77 6.57 16.95
CA ALA B 126 -20.83 6.82 15.87
C ALA B 126 -20.58 5.50 15.14
N LYS B 127 -20.27 5.58 13.85
CA LYS B 127 -19.96 4.39 13.04
C LYS B 127 -18.68 4.62 12.24
N GLY B 128 -17.86 3.59 12.13
CA GLY B 128 -16.61 3.69 11.40
C GLY B 128 -15.86 2.38 11.24
N GLN B 129 -14.58 2.48 10.88
CA GLN B 129 -13.77 1.31 10.57
C GLN B 129 -12.31 1.67 10.42
N TRP B 130 -11.45 0.78 10.88
CA TRP B 130 -10.03 0.87 10.63
C TRP B 130 -9.75 -0.16 9.55
N THR B 131 -9.03 0.22 8.49
CA THR B 131 -8.63 -0.74 7.48
C THR B 131 -7.12 -0.96 7.53
N LEU B 132 -6.72 -2.22 7.56
CA LEU B 132 -5.30 -2.58 7.59
C LEU B 132 -4.91 -3.47 6.39
N VAL B 133 -4.22 -2.90 5.39
CA VAL B 133 -3.79 -3.67 4.22
C VAL B 133 -2.27 -3.75 4.10
N PRO B 134 -1.73 -4.97 4.20
CA PRO B 134 -0.28 -5.19 4.20
C PRO B 134 0.43 -4.67 2.92
N ASP B 135 1.66 -4.21 3.14
CA ASP B 135 2.62 -3.81 2.12
C ASP B 135 3.63 -4.91 1.90
N ALA B 136 4.53 -4.66 0.95
CA ALA B 136 5.70 -5.49 0.79
C ALA B 136 6.56 -5.43 2.04
N ASP B 137 6.63 -4.25 2.64
CA ASP B 137 7.50 -4.01 3.78
C ASP B 137 6.74 -3.55 5.04
N GLY B 138 5.43 -3.42 4.94
CA GLY B 138 4.65 -2.76 5.97
C GLY B 138 3.14 -2.87 5.82
N VAL B 139 2.42 -1.81 6.20
CA VAL B 139 0.97 -1.90 6.18
C VAL B 139 0.39 -0.52 5.89
N ASP B 140 -0.58 -0.51 5.00
CA ASP B 140 -1.33 0.70 4.65
C ASP B 140 -2.57 0.78 5.53
N VAL B 141 -2.72 1.89 6.26
CA VAL B 141 -3.74 2.01 7.30
C VAL B 141 -4.81 3.06 7.03
N THR B 142 -6.07 2.68 7.28
CA THR B 142 -7.21 3.58 7.15
C THR B 142 -7.95 3.77 8.47
N TYR B 143 -8.39 5.00 8.75
CA TYR B 143 -9.18 5.28 9.94
C TYR B 143 -10.31 6.21 9.55
N GLN B 144 -11.53 5.69 9.58
CA GLN B 144 -12.71 6.42 9.12
C GLN B 144 -13.81 6.41 10.17
N MSE B 145 -14.24 7.58 10.62
CA MSE B 145 -15.40 7.71 11.50
C MSE B 145 -16.38 8.77 10.99
O MSE B 145 -16.01 9.68 10.26
CB MSE B 145 -15.01 8.03 12.96
CG MSE B 145 -14.11 7.00 13.65
SE MSE B 145 -14.96 5.24 13.90
CE MSE B 145 -16.49 5.85 14.97
N HIS B 146 -17.64 8.60 11.39
CA HIS B 146 -18.65 9.67 11.39
C HIS B 146 -19.46 9.55 12.67
N ALA B 147 -19.76 10.67 13.31
CA ALA B 147 -20.60 10.65 14.52
C ALA B 147 -21.96 11.27 14.30
N SER B 148 -22.92 10.85 15.12
CA SER B 148 -24.22 11.51 15.21
C SER B 148 -24.10 12.75 16.10
N PRO B 149 -25.13 13.61 16.10
CA PRO B 149 -25.19 14.79 16.97
C PRO B 149 -25.25 14.42 18.46
N GLY B 150 -24.52 15.16 19.29
CA GLY B 150 -24.59 14.95 20.73
C GLY B 150 -23.25 15.20 21.41
N GLY B 151 -23.21 15.02 22.73
CA GLY B 151 -21.99 15.20 23.49
C GLY B 151 -21.77 16.64 23.88
N SER B 152 -20.66 16.92 24.56
CA SER B 152 -20.48 18.25 25.16
C SER B 152 -19.84 19.26 24.20
N ILE B 153 -19.57 18.84 22.98
CA ILE B 153 -18.90 19.71 22.02
C ILE B 153 -19.88 20.12 20.92
N PRO B 154 -20.12 21.42 20.78
CA PRO B 154 -21.09 21.85 19.77
C PRO B 154 -20.71 21.32 18.39
N SER B 155 -21.73 20.94 17.62
CA SER B 155 -21.51 20.39 16.29
C SER B 155 -20.61 21.28 15.45
N TRP B 156 -20.80 22.60 15.55
CA TRP B 156 -19.99 23.53 14.78
C TRP B 156 -18.52 23.42 15.14
N LEU B 157 -18.24 23.19 16.42
CA LEU B 157 -16.86 22.96 16.84
C LEU B 157 -16.33 21.55 16.46
N ALA B 158 -17.12 20.52 16.69
CA ALA B 158 -16.66 19.19 16.32
C ALA B 158 -16.32 19.19 14.86
N ASN B 159 -17.08 19.95 14.08
CA ASN B 159 -16.90 19.92 12.63
C ASN B 159 -15.77 20.84 12.12
N GLN B 160 -15.48 21.90 12.86
CA GLN B 160 -14.43 22.84 12.50
C GLN B 160 -13.08 22.20 12.72
N THR B 161 -13.08 21.16 13.54
CA THR B 161 -11.85 20.62 14.08
C THR B 161 -11.76 19.13 13.77
N VAL B 162 -12.65 18.64 12.93
CA VAL B 162 -12.78 17.21 12.69
C VAL B 162 -11.48 16.58 12.20
N VAL B 163 -10.77 17.32 11.36
CA VAL B 163 -9.54 16.82 10.74
C VAL B 163 -8.47 16.36 11.75
N GLU B 164 -8.46 16.96 12.93
CA GLU B 164 -7.45 16.65 13.95
C GLU B 164 -7.61 15.27 14.61
N THR B 165 -8.80 14.68 14.54
CA THR B 165 -8.98 13.36 15.13
C THR B 165 -8.22 12.26 14.34
N PRO B 166 -8.49 12.13 13.03
CA PRO B 166 -7.69 11.19 12.24
C PRO B 166 -6.20 11.52 12.28
N PHE B 167 -5.83 12.76 12.01
CA PHE B 167 -4.43 13.14 11.96
C PHE B 167 -3.68 12.84 13.26
N GLY B 168 -4.25 13.26 14.38
CA GLY B 168 -3.60 13.10 15.67
C GLY B 168 -3.57 11.68 16.16
N THR B 169 -4.61 10.92 15.86
CA THR B 169 -4.66 9.51 16.24
C THR B 169 -3.65 8.68 15.43
N LEU B 170 -3.61 8.90 14.13
CA LEU B 170 -2.69 8.16 13.27
C LEU B 170 -1.24 8.51 13.59
N LYS B 171 -0.97 9.79 13.81
CA LYS B 171 0.36 10.20 14.20
C LYS B 171 0.78 9.53 15.49
N ALA B 172 -0.13 9.52 16.46
CA ALA B 172 0.13 8.87 17.76
C ALA B 172 0.26 7.36 17.66
N LEU B 173 -0.59 6.73 16.85
CA LEU B 173 -0.44 5.30 16.55
C LEU B 173 0.97 4.97 16.02
N ARG B 174 1.44 5.80 15.08
CA ARG B 174 2.74 5.60 14.45
C ARG B 174 3.89 5.69 15.46
N SER B 175 3.98 6.82 16.16
CA SER B 175 4.97 6.99 17.24
C SER B 175 4.92 5.84 18.23
N HIS B 176 3.71 5.46 18.63
CA HIS B 176 3.54 4.37 19.59
C HIS B 176 4.14 3.07 19.04
N LEU B 177 3.82 2.75 17.78
CA LEU B 177 4.25 1.48 17.18
C LEU B 177 5.76 1.38 16.97
N ARG B 178 6.46 2.49 17.07
CA ARG B 178 7.92 2.45 17.00
C ARG B 178 8.57 1.84 18.26
N GLN B 179 7.76 1.47 19.25
CA GLN B 179 8.25 0.70 20.39
C GLN B 179 7.53 -0.63 20.56
N ALA B 180 8.27 -1.73 20.49
CA ALA B 180 9.70 -1.68 20.22
C ALA B 180 10.04 -2.71 19.15
N HIS B 181 10.13 -3.98 19.56
CA HIS B 181 10.43 -5.12 18.70
C HIS B 181 11.53 -6.01 19.32
MN MN C . 1.83 0.86 0.85
S SO4 D . 21.62 3.01 -1.95
O1 SO4 D . 20.40 2.22 -2.03
O2 SO4 D . 22.19 3.04 -0.60
O3 SO4 D . 22.58 2.40 -2.84
O4 SO4 D . 21.33 4.37 -2.41
C1 PEG E . -5.19 -12.59 -12.41
O1 PEG E . -6.22 -13.26 -13.14
C2 PEG E . -3.86 -13.32 -12.60
O2 PEG E . -2.74 -12.74 -11.90
C3 PEG E . -2.99 -12.70 -10.47
C4 PEG E . -1.80 -12.21 -9.60
O4 PEG E . -1.34 -10.88 -9.90
MN MN F . -5.69 17.39 25.72
#